data_8ZNV
#
_entry.id   8ZNV
#
_cell.length_a   87.391
_cell.length_b   72.282
_cell.length_c   78.446
_cell.angle_alpha   90.00
_cell.angle_beta   108.41
_cell.angle_gamma   90.00
#
_symmetry.space_group_name_H-M   'C 1 2 1'
#
loop_
_entity.id
_entity.type
_entity.pdbx_description
1 polymer Beta-glucosidase
2 non-polymer GLYCEROL
3 water water
#
_entity_poly.entity_id   1
_entity_poly.type   'polypeptide(L)'
_entity_poly.pdbx_seq_one_letter_code
;MQTGPSHGLPPGFLFGASTASYQIEGATTEDGRGPSIWDTFTAEPGRVVDGSSGAVTCDHYHRWPEDVALLRRLGVDGYR
FSIAWPRIQPTGSGPANQAGLDFYDRLVDALLEAGIAPMATLYHWDLPQALEDGGGWLDRGTASRFAEYAAIMGDLLGDR
VAHWCPVNEPNVVTLNGYGEGSLAPGKALEFGALPVAHHLLLGHGLAVQALRAAGARQVGTATNHAPVLPLSGSEADVTA
ASLFDALWNRLFADPVLLGRYPDGIADAMPGPVAEDLLTIAQPLDFYGLNYYNPQGVRAAPEGSPVPFDVAAVPGYPTTD
FGWPVAPSGLTDLLVEMTERYPQIPPILITENGCSYGMGPDADGVVDDQPRIDYLDSHLGAVADAVARGVDVRGYYCWSL
LDNFEWADGFTQRFGLVHVDYDTLVRTPKRSFDWYADVIRAHRGTTA
;
_entity_poly.pdbx_strand_id   A
#
# COMPACT_ATOMS: atom_id res chain seq x y z
N GLY A 8 23.08 -10.93 -1.98
CA GLY A 8 22.77 -11.78 -3.16
C GLY A 8 21.60 -11.25 -3.98
N LEU A 9 21.48 -9.91 -4.08
CA LEU A 9 20.39 -9.34 -4.87
C LEU A 9 20.84 -9.07 -6.30
N PRO A 10 19.90 -9.13 -7.27
CA PRO A 10 20.20 -8.89 -8.66
C PRO A 10 20.90 -7.55 -8.91
N PRO A 11 21.78 -7.49 -9.91
CA PRO A 11 22.37 -6.20 -10.27
C PRO A 11 21.29 -5.23 -10.71
N GLY A 12 21.37 -3.96 -10.33
CA GLY A 12 20.28 -3.08 -10.74
C GLY A 12 18.96 -3.24 -9.96
N PHE A 13 18.93 -4.11 -8.95
CA PHE A 13 17.81 -4.19 -8.02
C PHE A 13 17.48 -2.80 -7.48
N LEU A 14 16.20 -2.44 -7.44
CA LEU A 14 15.75 -1.10 -7.03
C LEU A 14 15.48 -1.07 -5.52
N PHE A 15 16.06 -0.08 -4.82
CA PHE A 15 15.73 0.16 -3.42
C PHE A 15 14.87 1.41 -3.35
N GLY A 16 13.79 1.32 -2.55
CA GLY A 16 12.93 2.47 -2.38
C GLY A 16 12.42 2.66 -0.95
N ALA A 17 11.62 3.69 -0.77
CA ALA A 17 10.87 3.89 0.45
C ALA A 17 9.45 4.32 0.06
N SER A 18 8.48 4.08 0.95
CA SER A 18 7.07 4.27 0.63
C SER A 18 6.35 5.12 1.71
N THR A 19 5.34 5.88 1.26
CA THR A 19 4.42 6.65 2.10
C THR A 19 3.03 6.60 1.47
N ALA A 20 2.06 7.26 2.09
CA ALA A 20 0.71 7.43 1.60
C ALA A 20 0.19 8.79 2.01
N SER A 21 -0.66 9.38 1.18
CA SER A 21 -1.07 10.78 1.28
C SER A 21 -1.69 11.18 2.62
N TYR A 22 -2.75 10.46 3.02
CA TYR A 22 -3.43 10.80 4.25
C TYR A 22 -2.51 10.56 5.43
N GLN A 23 -1.62 9.56 5.31
CA GLN A 23 -0.77 9.28 6.47
C GLN A 23 0.33 10.32 6.71
N ILE A 24 0.74 11.08 5.69
CA ILE A 24 1.85 12.00 5.86
C ILE A 24 1.53 13.49 5.59
N GLU A 25 0.53 13.81 4.76
CA GLU A 25 0.48 15.16 4.18
C GLU A 25 0.00 16.23 5.17
N GLY A 26 -1.06 15.94 5.96
CA GLY A 26 -1.75 16.98 6.71
C GLY A 26 -2.40 17.97 5.75
N ALA A 27 -2.59 19.22 6.19
CA ALA A 27 -3.22 20.24 5.33
C ALA A 27 -4.54 19.74 4.76
N THR A 28 -5.36 19.15 5.62
CA THR A 28 -6.60 18.45 5.23
C THR A 28 -7.64 19.42 4.69
N THR A 29 -7.55 20.71 5.06
CA THR A 29 -8.57 21.67 4.63
C THR A 29 -8.00 22.79 3.78
N GLU A 30 -6.80 22.58 3.24
CA GLU A 30 -6.10 23.62 2.50
C GLU A 30 -6.33 23.43 1.01
N ASP A 31 -6.32 24.56 0.28
CA ASP A 31 -6.22 24.52 -1.17
C ASP A 31 -7.37 23.76 -1.82
N GLY A 32 -8.53 23.79 -1.18
CA GLY A 32 -9.75 23.24 -1.75
C GLY A 32 -9.92 21.72 -1.61
N ARG A 33 -9.05 21.08 -0.81
CA ARG A 33 -9.14 19.64 -0.65
C ARG A 33 -10.52 19.32 -0.08
N GLY A 34 -11.16 18.34 -0.70
CA GLY A 34 -12.42 17.78 -0.23
C GLY A 34 -12.26 16.82 0.97
N PRO A 35 -13.32 16.63 1.78
CA PRO A 35 -13.30 15.64 2.86
C PRO A 35 -13.22 14.22 2.29
N SER A 36 -12.40 13.39 2.92
CA SER A 36 -12.32 11.98 2.59
C SER A 36 -13.01 11.15 3.65
N ILE A 37 -13.15 9.83 3.37
CA ILE A 37 -13.71 8.94 4.34
C ILE A 37 -12.84 8.87 5.60
N TRP A 38 -11.54 9.20 5.50
CA TRP A 38 -10.68 9.15 6.67
C TRP A 38 -10.84 10.39 7.52
N ASP A 39 -11.22 11.49 6.89
CA ASP A 39 -11.60 12.67 7.67
C ASP A 39 -12.84 12.34 8.51
N THR A 40 -13.83 11.72 7.86
CA THR A 40 -15.07 11.32 8.54
C THR A 40 -14.78 10.32 9.66
N PHE A 41 -13.98 9.29 9.38
CA PHE A 41 -13.70 8.26 10.34
C PHE A 41 -12.97 8.79 11.57
N THR A 42 -11.96 9.67 11.36
CA THR A 42 -11.14 10.12 12.46
C THR A 42 -11.89 11.18 13.28
N ALA A 43 -12.98 11.71 12.75
CA ALA A 43 -13.81 12.67 13.49
C ALA A 43 -14.74 11.95 14.47
N GLU A 44 -14.87 10.63 14.36
CA GLU A 44 -15.77 9.84 15.19
C GLU A 44 -15.05 9.39 16.44
N PRO A 45 -15.59 9.64 17.65
CA PRO A 45 -14.99 9.13 18.89
C PRO A 45 -14.82 7.61 18.91
N GLY A 46 -13.67 7.15 19.42
CA GLY A 46 -13.39 5.73 19.59
C GLY A 46 -12.87 5.04 18.34
N ARG A 47 -12.80 5.73 17.18
CA ARG A 47 -12.30 5.04 15.99
C ARG A 47 -10.78 4.91 16.01
N VAL A 48 -10.09 5.89 16.60
CA VAL A 48 -8.63 5.93 16.58
C VAL A 48 -8.15 5.79 18.01
N VAL A 49 -7.24 4.84 18.23
CA VAL A 49 -6.89 4.41 19.58
C VAL A 49 -6.39 5.56 20.45
N ASP A 50 -5.71 6.57 19.89
CA ASP A 50 -5.16 7.70 20.66
C ASP A 50 -5.92 9.00 20.40
N GLY A 51 -7.05 8.91 19.69
CA GLY A 51 -7.90 10.06 19.43
C GLY A 51 -7.32 11.06 18.43
N SER A 52 -6.34 10.64 17.63
CA SER A 52 -5.69 11.49 16.66
C SER A 52 -6.36 11.39 15.29
N SER A 53 -5.85 12.22 14.38
CA SER A 53 -6.25 12.24 12.99
C SER A 53 -5.05 12.63 12.12
N GLY A 54 -5.28 12.67 10.80
CA GLY A 54 -4.28 13.15 9.86
C GLY A 54 -4.42 14.63 9.54
N ALA A 55 -5.01 15.40 10.47
CA ALA A 55 -5.14 16.84 10.25
C ALA A 55 -3.78 17.50 9.95
N VAL A 56 -2.73 17.12 10.69
CA VAL A 56 -1.38 17.67 10.54
C VAL A 56 -0.38 16.56 10.21
N THR A 57 -0.41 15.47 10.98
CA THR A 57 0.55 14.39 10.90
C THR A 57 1.96 14.95 10.64
N CYS A 58 2.66 14.44 9.62
CA CYS A 58 4.02 14.87 9.33
C CYS A 58 4.08 16.24 8.68
N ASP A 59 2.93 16.75 8.23
CA ASP A 59 2.89 18.06 7.55
C ASP A 59 3.77 18.06 6.31
N HIS A 60 3.76 16.93 5.57
CA HIS A 60 4.52 16.82 4.32
C HIS A 60 4.01 17.79 3.26
N TYR A 61 2.74 18.19 3.34
CA TYR A 61 2.21 19.15 2.38
C TYR A 61 2.97 20.46 2.41
N HIS A 62 3.47 20.87 3.60
CA HIS A 62 4.31 22.06 3.69
C HIS A 62 5.81 21.79 3.76
N ARG A 63 6.23 20.55 4.07
CA ARG A 63 7.61 20.21 4.39
C ARG A 63 8.24 19.26 3.37
N TRP A 64 7.58 19.07 2.21
CA TRP A 64 8.02 18.08 1.23
C TRP A 64 9.43 18.37 0.72
N PRO A 65 9.94 19.60 0.57
CA PRO A 65 11.34 19.76 0.12
C PRO A 65 12.33 19.04 1.04
N GLU A 66 12.18 19.23 2.35
CA GLU A 66 12.96 18.55 3.35
C GLU A 66 12.92 17.02 3.18
N ASP A 67 11.72 16.48 2.91
CA ASP A 67 11.53 15.05 2.74
C ASP A 67 12.17 14.54 1.45
N VAL A 68 12.06 15.32 0.38
CA VAL A 68 12.74 14.97 -0.87
C VAL A 68 14.24 14.94 -0.62
N ALA A 69 14.75 15.95 0.11
CA ALA A 69 16.16 15.95 0.44
C ALA A 69 16.52 14.72 1.25
N LEU A 70 15.69 14.28 2.20
CA LEU A 70 15.95 13.01 2.91
C LEU A 70 16.06 11.82 1.97
N LEU A 71 15.16 11.71 0.98
CA LEU A 71 15.21 10.61 0.03
C LEU A 71 16.51 10.66 -0.76
N ARG A 72 16.91 11.87 -1.16
CA ARG A 72 18.12 12.07 -1.90
C ARG A 72 19.34 11.66 -1.09
N ARG A 73 19.40 12.05 0.19
CA ARG A 73 20.51 11.67 1.03
C ARG A 73 20.52 10.16 1.31
N LEU A 74 19.33 9.54 1.39
CA LEU A 74 19.25 8.09 1.61
C LEU A 74 19.84 7.35 0.40
N GLY A 75 19.68 7.92 -0.82
CA GLY A 75 20.13 7.32 -2.05
C GLY A 75 19.25 6.25 -2.65
N VAL A 76 17.95 6.29 -2.33
CA VAL A 76 17.00 5.35 -2.91
C VAL A 76 16.93 5.61 -4.41
N ASP A 77 16.70 4.54 -5.14
CA ASP A 77 16.38 4.57 -6.55
C ASP A 77 14.95 5.07 -6.79
N GLY A 78 14.02 4.70 -5.90
CA GLY A 78 12.59 4.93 -6.09
C GLY A 78 11.94 5.50 -4.83
N TYR A 79 10.87 6.25 -5.04
CA TYR A 79 10.01 6.74 -3.98
C TYR A 79 8.57 6.44 -4.33
N ARG A 80 7.90 5.67 -3.48
CA ARG A 80 6.48 5.38 -3.65
C ARG A 80 5.67 6.30 -2.74
N PHE A 81 4.74 7.01 -3.36
CA PHE A 81 3.86 7.95 -2.69
C PHE A 81 2.45 7.73 -3.22
N SER A 82 1.45 8.28 -2.51
CA SER A 82 0.10 8.25 -3.06
C SER A 82 -0.38 9.66 -3.36
N ILE A 83 -1.29 9.69 -4.33
CA ILE A 83 -1.97 10.93 -4.69
C ILE A 83 -3.29 10.95 -3.94
N ALA A 84 -3.62 12.10 -3.37
CA ALA A 84 -4.86 12.25 -2.63
C ALA A 84 -5.95 12.64 -3.63
N TRP A 85 -6.80 11.66 -3.96
CA TRP A 85 -7.97 11.90 -4.82
C TRP A 85 -8.77 13.12 -4.35
N PRO A 86 -9.02 13.36 -3.05
CA PRO A 86 -9.74 14.57 -2.61
C PRO A 86 -9.07 15.89 -2.93
N ARG A 87 -7.73 15.91 -3.19
CA ARG A 87 -7.09 17.14 -3.58
C ARG A 87 -7.33 17.41 -5.07
N ILE A 88 -7.60 16.34 -5.81
CA ILE A 88 -7.72 16.44 -7.26
C ILE A 88 -9.17 16.68 -7.66
N GLN A 89 -10.07 15.90 -7.11
CA GLN A 89 -11.51 16.05 -7.28
C GLN A 89 -12.13 16.02 -5.89
N PRO A 90 -12.33 17.18 -5.25
CA PRO A 90 -12.88 17.22 -3.90
C PRO A 90 -14.12 16.36 -3.65
N THR A 91 -14.98 16.21 -4.68
CA THR A 91 -16.18 15.38 -4.54
C THR A 91 -16.05 14.06 -5.28
N GLY A 92 -14.91 13.82 -5.94
CA GLY A 92 -14.70 12.56 -6.65
C GLY A 92 -15.23 12.60 -8.09
N SER A 93 -15.77 13.73 -8.53
CA SER A 93 -16.18 13.88 -9.93
C SER A 93 -15.89 15.31 -10.36
N GLY A 94 -15.98 15.54 -11.67
CA GLY A 94 -15.89 16.89 -12.19
C GLY A 94 -14.45 17.34 -12.42
N PRO A 95 -14.28 18.61 -12.86
CA PRO A 95 -12.98 19.12 -13.28
C PRO A 95 -11.99 19.16 -12.12
N ALA A 96 -10.70 18.94 -12.44
CA ALA A 96 -9.66 18.84 -11.44
C ALA A 96 -9.50 20.17 -10.72
N ASN A 97 -9.11 20.12 -9.45
CA ASN A 97 -8.68 21.25 -8.66
C ASN A 97 -7.23 21.57 -9.01
N GLN A 98 -6.97 22.77 -9.56
CA GLN A 98 -5.65 23.12 -10.08
C GLN A 98 -4.57 23.08 -8.98
N ALA A 99 -4.89 23.51 -7.75
CA ALA A 99 -3.90 23.54 -6.65
C ALA A 99 -3.47 22.12 -6.32
N GLY A 100 -4.40 21.17 -6.41
CA GLY A 100 -4.08 19.76 -6.18
C GLY A 100 -3.15 19.20 -7.24
N LEU A 101 -3.47 19.46 -8.53
CA LEU A 101 -2.58 19.10 -9.62
C LEU A 101 -1.18 19.69 -9.41
N ASP A 102 -1.13 20.98 -9.05
CA ASP A 102 0.14 21.68 -8.89
C ASP A 102 1.03 21.01 -7.85
N PHE A 103 0.45 20.55 -6.75
CA PHE A 103 1.23 19.97 -5.67
C PHE A 103 2.02 18.74 -6.15
N TYR A 104 1.35 17.84 -6.87
CA TYR A 104 1.97 16.59 -7.31
C TYR A 104 2.86 16.85 -8.52
N ASP A 105 2.50 17.85 -9.35
CA ASP A 105 3.33 18.22 -10.48
C ASP A 105 4.72 18.64 -9.99
N ARG A 106 4.71 19.51 -8.97
CA ARG A 106 5.95 20.07 -8.44
C ARG A 106 6.76 18.99 -7.70
N LEU A 107 6.06 18.17 -6.90
CA LEU A 107 6.73 17.05 -6.20
C LEU A 107 7.45 16.12 -7.17
N VAL A 108 6.76 15.76 -8.26
CA VAL A 108 7.34 14.82 -9.21
C VAL A 108 8.54 15.45 -9.92
N ASP A 109 8.46 16.74 -10.30
CA ASP A 109 9.60 17.38 -10.93
C ASP A 109 10.80 17.38 -9.98
N ALA A 110 10.56 17.58 -8.68
CA ALA A 110 11.64 17.62 -7.70
C ALA A 110 12.28 16.23 -7.55
N LEU A 111 11.46 15.18 -7.54
CA LEU A 111 11.98 13.84 -7.46
C LEU A 111 12.85 13.58 -8.67
N LEU A 112 12.41 13.98 -9.87
CA LEU A 112 13.23 13.74 -11.05
C LEU A 112 14.54 14.54 -10.96
N GLU A 113 14.53 15.78 -10.50
CA GLU A 113 15.78 16.51 -10.35
C GLU A 113 16.74 15.78 -9.41
N ALA A 114 16.20 15.14 -8.37
CA ALA A 114 17.00 14.39 -7.39
C ALA A 114 17.44 13.02 -7.92
N GLY A 115 17.02 12.63 -9.11
CA GLY A 115 17.42 11.35 -9.67
C GLY A 115 16.59 10.18 -9.17
N ILE A 116 15.39 10.45 -8.61
CA ILE A 116 14.57 9.41 -8.03
C ILE A 116 13.45 9.06 -8.99
N ALA A 117 13.20 7.76 -9.10
CA ALA A 117 12.17 7.18 -9.95
C ALA A 117 10.86 7.20 -9.18
N PRO A 118 9.89 8.06 -9.56
CA PRO A 118 8.65 8.19 -8.81
C PRO A 118 7.74 6.99 -9.07
N MET A 119 7.21 6.45 -7.98
CA MET A 119 6.19 5.42 -8.02
C MET A 119 4.90 5.99 -7.41
N ALA A 120 3.89 6.19 -8.25
CA ALA A 120 2.63 6.80 -7.81
C ALA A 120 1.52 5.78 -7.57
N THR A 121 0.96 5.80 -6.35
CA THR A 121 -0.27 5.07 -6.01
C THR A 121 -1.49 5.97 -6.20
N LEU A 122 -2.44 5.59 -7.06
CA LEU A 122 -3.59 6.44 -7.24
C LEU A 122 -4.53 6.43 -6.05
N TYR A 123 -4.74 5.24 -5.49
CA TYR A 123 -5.73 5.06 -4.45
C TYR A 123 -5.11 4.38 -3.26
N HIS A 124 -4.80 5.17 -2.21
CA HIS A 124 -4.37 4.63 -0.95
C HIS A 124 -5.37 4.99 0.15
N TRP A 125 -6.66 4.71 -0.12
CA TRP A 125 -7.72 4.53 0.86
C TRP A 125 -8.50 5.83 1.14
N ASP A 126 -8.07 6.98 0.61
CA ASP A 126 -8.66 8.27 0.95
C ASP A 126 -9.75 8.60 -0.09
N LEU A 127 -10.81 7.78 -0.14
CA LEU A 127 -11.94 8.01 -1.04
C LEU A 127 -12.65 9.33 -0.69
N PRO A 128 -12.94 10.21 -1.65
CA PRO A 128 -13.73 11.40 -1.34
C PRO A 128 -15.08 11.01 -0.71
N GLN A 129 -15.46 11.71 0.39
CA GLN A 129 -16.67 11.36 1.16
C GLN A 129 -17.91 11.43 0.26
N ALA A 130 -17.94 12.37 -0.68
CA ALA A 130 -19.09 12.51 -1.56
C ALA A 130 -19.36 11.20 -2.30
N LEU A 131 -18.33 10.47 -2.69
CA LEU A 131 -18.55 9.18 -3.34
C LEU A 131 -19.04 8.12 -2.36
N GLU A 132 -18.54 8.13 -1.12
CA GLU A 132 -19.02 7.18 -0.14
C GLU A 132 -20.51 7.45 0.16
N ASP A 133 -20.91 8.72 0.13
CA ASP A 133 -22.29 9.05 0.45
C ASP A 133 -23.24 8.40 -0.56
N GLY A 134 -22.81 8.25 -1.81
CA GLY A 134 -23.58 7.56 -2.84
C GLY A 134 -23.44 6.04 -2.88
N GLY A 135 -22.66 5.45 -1.96
CA GLY A 135 -22.45 4.01 -1.92
C GLY A 135 -20.97 3.61 -1.97
N GLY A 136 -20.07 4.54 -2.32
CA GLY A 136 -18.66 4.17 -2.34
C GLY A 136 -18.36 3.03 -3.30
N TRP A 137 -17.51 2.10 -2.85
CA TRP A 137 -17.07 1.01 -3.72
C TRP A 137 -18.18 -0.03 -3.94
N LEU A 138 -19.33 0.08 -3.24
CA LEU A 138 -20.48 -0.76 -3.55
C LEU A 138 -21.14 -0.35 -4.87
N ASP A 139 -20.94 0.90 -5.29
CA ASP A 139 -21.41 1.40 -6.56
C ASP A 139 -20.42 1.09 -7.68
N ARG A 140 -20.89 0.39 -8.71
CA ARG A 140 -20.10 0.18 -9.91
C ARG A 140 -19.62 1.50 -10.52
N GLY A 141 -20.41 2.58 -10.38
CA GLY A 141 -20.03 3.87 -10.92
C GLY A 141 -18.73 4.43 -10.32
N THR A 142 -18.41 4.03 -9.09
CA THR A 142 -17.19 4.51 -8.43
C THR A 142 -15.96 4.03 -9.20
N ALA A 143 -16.02 2.82 -9.79
CA ALA A 143 -14.97 2.36 -10.69
C ALA A 143 -14.79 3.34 -11.85
N SER A 144 -15.86 3.83 -12.45
CA SER A 144 -15.75 4.75 -13.56
C SER A 144 -15.20 6.11 -13.11
N ARG A 145 -15.62 6.59 -11.95
CA ARG A 145 -15.12 7.85 -11.41
C ARG A 145 -13.60 7.70 -11.20
N PHE A 146 -13.19 6.52 -10.74
CA PHE A 146 -11.77 6.25 -10.48
C PHE A 146 -11.00 6.25 -11.81
N ALA A 147 -11.61 5.73 -12.89
CA ALA A 147 -10.95 5.72 -14.19
C ALA A 147 -10.75 7.14 -14.71
N GLU A 148 -11.73 8.02 -14.46
CA GLU A 148 -11.63 9.41 -14.87
C GLU A 148 -10.50 10.11 -14.11
N TYR A 149 -10.40 9.83 -12.80
CA TYR A 149 -9.34 10.39 -11.96
C TYR A 149 -7.97 9.89 -12.46
N ALA A 150 -7.88 8.61 -12.81
CA ALA A 150 -6.66 8.05 -13.38
C ALA A 150 -6.27 8.77 -14.65
N ALA A 151 -7.25 9.07 -15.52
CA ALA A 151 -6.96 9.81 -16.73
C ALA A 151 -6.41 11.20 -16.41
N ILE A 152 -7.01 11.88 -15.41
CA ILE A 152 -6.52 13.19 -15.01
C ILE A 152 -5.05 13.15 -14.57
N MET A 153 -4.70 12.14 -13.76
CA MET A 153 -3.36 12.10 -13.21
C MET A 153 -2.38 11.59 -14.26
N GLY A 154 -2.81 10.70 -15.15
CA GLY A 154 -1.98 10.28 -16.27
C GLY A 154 -1.72 11.41 -17.25
N ASP A 155 -2.72 12.25 -17.48
CA ASP A 155 -2.53 13.39 -18.37
C ASP A 155 -1.51 14.35 -17.76
N LEU A 156 -1.56 14.56 -16.44
CA LEU A 156 -0.64 15.48 -15.80
C LEU A 156 0.78 14.89 -15.72
N LEU A 157 0.91 13.64 -15.26
CA LEU A 157 2.18 13.08 -14.80
C LEU A 157 2.70 11.91 -15.61
N GLY A 158 2.04 11.56 -16.71
CA GLY A 158 2.32 10.23 -17.29
C GLY A 158 3.71 10.10 -17.93
N ASP A 159 4.24 11.19 -18.43
CA ASP A 159 5.56 11.18 -19.00
C ASP A 159 6.69 11.12 -17.94
N ARG A 160 6.40 11.26 -16.65
CA ARG A 160 7.44 11.52 -15.66
C ARG A 160 7.46 10.46 -14.54
N VAL A 161 6.30 9.93 -14.20
CA VAL A 161 6.24 8.84 -13.23
C VAL A 161 6.83 7.57 -13.82
N ALA A 162 7.65 6.87 -13.02
CA ALA A 162 8.36 5.67 -13.47
C ALA A 162 7.46 4.44 -13.33
N HIS A 163 6.67 4.38 -12.24
CA HIS A 163 5.86 3.20 -11.92
C HIS A 163 4.53 3.66 -11.35
N TRP A 164 3.45 2.98 -11.70
CA TRP A 164 2.13 3.27 -11.15
C TRP A 164 1.56 2.05 -10.43
N CYS A 165 0.90 2.28 -9.28
CA CYS A 165 0.16 1.29 -8.50
C CYS A 165 -1.28 1.78 -8.37
N PRO A 166 -2.28 1.29 -9.16
CA PRO A 166 -3.61 1.87 -9.07
C PRO A 166 -4.26 1.82 -7.70
N VAL A 167 -4.27 0.66 -7.05
CA VAL A 167 -5.03 0.48 -5.84
C VAL A 167 -4.16 -0.23 -4.83
N ASN A 168 -3.90 0.46 -3.72
CA ASN A 168 -3.22 -0.13 -2.59
C ASN A 168 -4.11 -1.06 -1.77
N GLU A 169 -3.65 -2.30 -1.62
CA GLU A 169 -4.19 -3.32 -0.73
C GLU A 169 -5.70 -3.36 -0.84
N PRO A 170 -6.24 -3.73 -2.01
CA PRO A 170 -7.71 -3.80 -2.20
C PRO A 170 -8.34 -4.81 -1.25
N ASN A 171 -7.54 -5.80 -0.80
CA ASN A 171 -8.01 -6.75 0.20
C ASN A 171 -8.30 -6.10 1.55
N VAL A 172 -7.41 -5.20 1.99
CA VAL A 172 -7.66 -4.42 3.19
C VAL A 172 -8.88 -3.51 3.00
N VAL A 173 -9.00 -2.83 1.88
CA VAL A 173 -10.11 -1.92 1.61
C VAL A 173 -11.44 -2.68 1.73
N THR A 174 -11.47 -3.89 1.16
CA THR A 174 -12.65 -4.74 1.12
C THR A 174 -12.97 -5.32 2.49
N LEU A 175 -12.06 -6.12 3.05
CA LEU A 175 -12.38 -6.85 4.26
C LEU A 175 -12.43 -5.91 5.46
N ASN A 176 -11.52 -4.94 5.58
CA ASN A 176 -11.46 -4.15 6.80
C ASN A 176 -12.38 -2.93 6.71
N GLY A 177 -12.48 -2.35 5.53
CA GLY A 177 -13.26 -1.14 5.30
C GLY A 177 -14.75 -1.43 5.23
N TYR A 178 -15.10 -2.55 4.60
CA TYR A 178 -16.50 -2.80 4.24
C TYR A 178 -16.99 -4.12 4.80
N GLY A 179 -16.07 -5.00 5.16
CA GLY A 179 -16.39 -6.33 5.65
C GLY A 179 -16.62 -6.39 7.14
N GLU A 180 -15.65 -5.95 7.95
CA GLU A 180 -15.78 -5.92 9.41
C GLU A 180 -15.76 -4.49 9.94
N GLY A 181 -15.44 -3.51 9.10
CA GLY A 181 -15.55 -2.11 9.47
C GLY A 181 -14.51 -1.63 10.50
N SER A 182 -13.31 -2.24 10.54
CA SER A 182 -12.25 -1.76 11.43
C SER A 182 -11.52 -0.52 10.86
N LEU A 183 -11.68 -0.25 9.56
CA LEU A 183 -11.10 0.90 8.90
C LEU A 183 -12.19 1.66 8.17
N ALA A 184 -11.93 2.91 7.74
CA ALA A 184 -12.89 3.67 6.95
C ALA A 184 -13.31 2.93 5.70
N PRO A 185 -14.58 2.97 5.28
CA PRO A 185 -15.61 3.81 5.89
C PRO A 185 -16.38 3.18 7.06
N GLY A 186 -15.92 2.02 7.54
CA GLY A 186 -16.49 1.43 8.73
C GLY A 186 -17.77 0.65 8.45
N LYS A 187 -18.02 0.17 7.23
CA LYS A 187 -19.18 -0.69 7.02
C LYS A 187 -18.83 -2.12 7.44
N ALA A 188 -19.82 -2.91 7.90
CA ALA A 188 -19.58 -4.27 8.34
C ALA A 188 -20.59 -5.22 7.67
N LEU A 189 -20.39 -5.44 6.37
CA LEU A 189 -21.27 -6.19 5.49
C LEU A 189 -20.92 -7.69 5.41
N GLU A 190 -19.83 -8.12 6.08
CA GLU A 190 -19.27 -9.45 5.91
C GLU A 190 -19.24 -9.79 4.41
N PHE A 191 -19.87 -10.91 3.97
CA PHE A 191 -19.80 -11.27 2.56
C PHE A 191 -20.54 -10.29 1.66
N GLY A 192 -21.37 -9.38 2.20
CA GLY A 192 -21.93 -8.33 1.40
C GLY A 192 -20.90 -7.34 0.85
N ALA A 193 -19.65 -7.46 1.31
CA ALA A 193 -18.56 -6.61 0.80
C ALA A 193 -17.92 -7.18 -0.47
N LEU A 194 -18.30 -8.40 -0.91
CA LEU A 194 -17.69 -8.94 -2.12
C LEU A 194 -17.79 -7.99 -3.31
N PRO A 195 -18.90 -7.26 -3.59
CA PRO A 195 -18.94 -6.33 -4.72
C PRO A 195 -17.86 -5.24 -4.68
N VAL A 196 -17.43 -4.88 -3.46
CA VAL A 196 -16.38 -3.90 -3.31
C VAL A 196 -15.12 -4.44 -3.96
N ALA A 197 -14.81 -5.73 -3.73
CA ALA A 197 -13.63 -6.32 -4.32
C ALA A 197 -13.74 -6.23 -5.82
N HIS A 198 -14.93 -6.54 -6.39
CA HIS A 198 -15.08 -6.54 -7.83
C HIS A 198 -14.85 -5.15 -8.40
N HIS A 199 -15.39 -4.12 -7.72
CA HIS A 199 -15.33 -2.78 -8.24
C HIS A 199 -13.92 -2.17 -8.06
N LEU A 200 -13.23 -2.48 -6.96
CA LEU A 200 -11.82 -2.14 -6.86
C LEU A 200 -10.98 -2.75 -7.99
N LEU A 201 -11.23 -4.02 -8.32
CA LEU A 201 -10.51 -4.71 -9.39
C LEU A 201 -10.87 -4.13 -10.75
N LEU A 202 -12.16 -3.85 -10.98
CA LEU A 202 -12.57 -3.18 -12.19
C LEU A 202 -11.94 -1.80 -12.30
N GLY A 203 -11.91 -1.06 -11.17
CA GLY A 203 -11.28 0.25 -11.14
C GLY A 203 -9.80 0.15 -11.53
N HIS A 204 -9.16 -0.87 -11.00
CA HIS A 204 -7.74 -1.15 -11.30
C HIS A 204 -7.58 -1.26 -12.82
N GLY A 205 -8.34 -2.17 -13.40
CA GLY A 205 -8.25 -2.47 -14.83
C GLY A 205 -8.52 -1.26 -15.70
N LEU A 206 -9.59 -0.52 -15.37
CA LEU A 206 -9.90 0.70 -16.11
C LEU A 206 -8.78 1.74 -15.97
N ALA A 207 -8.17 1.83 -14.76
CA ALA A 207 -7.10 2.77 -14.54
C ALA A 207 -5.86 2.40 -15.34
N VAL A 208 -5.52 1.12 -15.41
CA VAL A 208 -4.41 0.65 -16.23
C VAL A 208 -4.59 1.15 -17.66
N GLN A 209 -5.80 0.96 -18.23
CA GLN A 209 -6.10 1.45 -19.58
C GLN A 209 -5.97 2.97 -19.70
N ALA A 210 -6.46 3.70 -18.69
CA ALA A 210 -6.40 5.17 -18.73
C ALA A 210 -4.96 5.67 -18.66
N LEU A 211 -4.12 4.99 -17.83
CA LEU A 211 -2.74 5.40 -17.69
C LEU A 211 -1.97 5.16 -18.99
N ARG A 212 -2.17 3.99 -19.59
CA ARG A 212 -1.48 3.61 -20.82
C ARG A 212 -1.85 4.60 -21.94
N ALA A 213 -3.13 4.92 -22.00
CA ALA A 213 -3.66 5.85 -23.00
C ALA A 213 -3.01 7.24 -22.84
N ALA A 214 -2.64 7.59 -21.60
CA ALA A 214 -2.06 8.87 -21.28
C ALA A 214 -0.57 8.88 -21.49
N GLY A 215 0.03 7.72 -21.80
CA GLY A 215 1.45 7.65 -22.07
C GLY A 215 2.26 7.15 -20.88
N ALA A 216 1.62 6.48 -19.92
CA ALA A 216 2.33 6.04 -18.71
C ALA A 216 3.43 5.06 -19.05
N ARG A 217 4.47 5.05 -18.20
CA ARG A 217 5.54 4.09 -18.31
C ARG A 217 5.01 2.75 -17.76
N GLN A 218 5.51 2.27 -16.62
CA GLN A 218 5.18 0.95 -16.08
C GLN A 218 3.99 1.01 -15.11
N VAL A 219 3.12 0.02 -15.24
CA VAL A 219 1.94 -0.10 -14.41
C VAL A 219 1.95 -1.49 -13.77
N GLY A 220 1.65 -1.54 -12.47
CA GLY A 220 1.63 -2.78 -11.73
C GLY A 220 0.46 -2.79 -10.75
N THR A 221 0.74 -3.25 -9.52
CA THR A 221 -0.17 -3.37 -8.40
C THR A 221 0.58 -3.02 -7.12
N ALA A 222 -0.17 -3.04 -6.01
CA ALA A 222 0.38 -3.01 -4.67
C ALA A 222 -0.59 -3.74 -3.77
N THR A 223 -0.67 -5.06 -3.91
CA THR A 223 -1.65 -5.86 -3.17
C THR A 223 -0.97 -6.54 -2.00
N ASN A 224 -1.64 -6.58 -0.84
CA ASN A 224 -1.11 -7.26 0.32
C ASN A 224 -1.19 -8.73 0.03
N HIS A 225 -0.10 -9.46 0.29
CA HIS A 225 -0.15 -10.90 0.29
C HIS A 225 0.57 -11.44 1.52
N ALA A 226 0.15 -12.66 1.90
CA ALA A 226 0.73 -13.32 3.05
C ALA A 226 0.49 -14.82 2.95
N PRO A 227 1.47 -15.64 3.35
CA PRO A 227 1.22 -17.07 3.54
C PRO A 227 0.20 -17.18 4.65
N VAL A 228 -0.72 -18.13 4.48
CA VAL A 228 -1.82 -18.35 5.42
C VAL A 228 -1.65 -19.71 6.10
N LEU A 229 -1.50 -19.72 7.41
CA LEU A 229 -1.17 -20.92 8.19
C LEU A 229 -2.37 -21.30 9.06
N PRO A 230 -2.78 -22.60 9.01
CA PRO A 230 -3.87 -23.07 9.87
C PRO A 230 -3.26 -23.13 11.27
N LEU A 231 -3.98 -22.61 12.28
CA LEU A 231 -3.47 -22.63 13.65
C LEU A 231 -3.58 -24.03 14.29
N SER A 232 -4.17 -25.03 13.60
CA SER A 232 -4.27 -26.40 14.11
C SER A 232 -4.43 -27.39 12.96
N GLY A 233 -4.94 -28.62 13.23
CA GLY A 233 -5.17 -29.66 12.23
C GLY A 233 -6.64 -29.85 11.83
N SER A 234 -7.54 -29.19 12.56
CA SER A 234 -8.97 -29.29 12.32
C SER A 234 -9.35 -28.95 10.88
N GLU A 235 -10.13 -29.83 10.24
CA GLU A 235 -10.76 -29.52 8.97
C GLU A 235 -11.31 -28.10 9.02
N ALA A 236 -12.06 -27.76 10.09
CA ALA A 236 -12.69 -26.45 10.19
C ALA A 236 -11.63 -25.37 10.07
N ASP A 237 -10.42 -25.68 10.60
CA ASP A 237 -9.27 -24.80 10.67
C ASP A 237 -8.50 -24.77 9.33
N VAL A 238 -8.22 -25.94 8.73
CA VAL A 238 -7.60 -25.98 7.41
C VAL A 238 -8.54 -25.40 6.34
N THR A 239 -9.86 -25.62 6.52
CA THR A 239 -10.86 -25.13 5.60
C THR A 239 -11.01 -23.62 5.76
N ALA A 240 -10.89 -23.17 7.02
CA ALA A 240 -10.94 -21.76 7.33
C ALA A 240 -9.73 -21.09 6.67
N ALA A 241 -8.54 -21.66 6.85
CA ALA A 241 -7.28 -21.11 6.36
C ALA A 241 -7.28 -21.08 4.83
N SER A 242 -7.75 -22.16 4.20
CA SER A 242 -7.94 -22.20 2.76
C SER A 242 -8.89 -21.12 2.28
N LEU A 243 -10.02 -20.90 2.98
CA LEU A 243 -10.98 -19.88 2.59
C LEU A 243 -10.37 -18.49 2.73
N PHE A 244 -9.68 -18.24 3.85
CA PHE A 244 -9.01 -16.96 4.04
C PHE A 244 -7.98 -16.70 2.93
N ASP A 245 -7.19 -17.71 2.57
CA ASP A 245 -6.24 -17.60 1.46
C ASP A 245 -6.93 -17.31 0.15
N ALA A 246 -8.06 -18.02 -0.11
CA ALA A 246 -8.87 -17.74 -1.26
C ALA A 246 -9.39 -16.30 -1.27
N LEU A 247 -9.82 -15.77 -0.12
CA LEU A 247 -10.41 -14.43 -0.04
C LEU A 247 -9.36 -13.32 -0.01
N TRP A 248 -8.21 -13.58 0.63
CA TRP A 248 -7.19 -12.55 0.82
C TRP A 248 -6.24 -12.44 -0.37
N ASN A 249 -5.71 -13.59 -0.75
CA ASN A 249 -4.69 -13.65 -1.81
C ASN A 249 -5.31 -13.94 -3.18
N ARG A 250 -6.04 -15.05 -3.33
CA ARG A 250 -6.46 -15.46 -4.67
C ARG A 250 -7.51 -14.52 -5.28
N LEU A 251 -8.39 -13.96 -4.44
CA LEU A 251 -9.50 -13.14 -4.90
C LEU A 251 -8.95 -11.94 -5.66
N PHE A 252 -7.73 -11.48 -5.29
CA PHE A 252 -7.17 -10.27 -5.86
C PHE A 252 -6.07 -10.58 -6.89
N ALA A 253 -5.39 -11.71 -6.74
CA ALA A 253 -4.30 -12.07 -7.66
C ALA A 253 -4.84 -12.85 -8.86
N ASP A 254 -5.82 -13.76 -8.65
CA ASP A 254 -6.31 -14.60 -9.74
C ASP A 254 -6.95 -13.76 -10.84
N PRO A 255 -7.81 -12.77 -10.54
CA PRO A 255 -8.41 -11.99 -11.62
C PRO A 255 -7.40 -11.16 -12.41
N VAL A 256 -6.43 -10.56 -11.72
CA VAL A 256 -5.41 -9.75 -12.38
C VAL A 256 -4.47 -10.63 -13.25
N LEU A 257 -4.03 -11.77 -12.76
CA LEU A 257 -2.97 -12.56 -13.39
C LEU A 257 -3.51 -13.70 -14.25
N LEU A 258 -4.71 -14.23 -13.96
CA LEU A 258 -5.25 -15.37 -14.70
C LEU A 258 -6.57 -15.04 -15.39
N GLY A 259 -7.17 -13.88 -15.10
CA GLY A 259 -8.45 -13.51 -15.70
C GLY A 259 -9.59 -14.40 -15.22
N ARG A 260 -9.48 -14.89 -13.98
CA ARG A 260 -10.58 -15.63 -13.37
C ARG A 260 -10.62 -15.42 -11.86
N TYR A 261 -11.81 -15.68 -11.26
CA TYR A 261 -11.99 -15.66 -9.82
C TYR A 261 -11.74 -17.05 -9.26
N PRO A 262 -11.41 -17.19 -7.97
CA PRO A 262 -11.36 -18.50 -7.35
C PRO A 262 -12.75 -19.14 -7.44
N ASP A 263 -12.76 -20.46 -7.32
CA ASP A 263 -13.94 -21.27 -7.56
C ASP A 263 -15.05 -20.78 -6.64
N GLY A 264 -16.20 -20.41 -7.22
CA GLY A 264 -17.38 -20.04 -6.45
C GLY A 264 -17.65 -18.53 -6.46
N ILE A 265 -16.60 -17.74 -6.75
CA ILE A 265 -16.68 -16.33 -6.43
C ILE A 265 -17.28 -15.57 -7.59
N ALA A 266 -17.00 -15.98 -8.84
CA ALA A 266 -17.59 -15.24 -9.95
C ALA A 266 -19.12 -15.21 -9.80
N ASP A 267 -19.69 -16.34 -9.37
CA ASP A 267 -21.14 -16.49 -9.30
C ASP A 267 -21.72 -15.55 -8.24
N ALA A 268 -20.87 -15.02 -7.36
CA ALA A 268 -21.30 -14.15 -6.27
C ALA A 268 -21.06 -12.69 -6.59
N MET A 269 -20.66 -12.33 -7.82
CA MET A 269 -20.25 -10.97 -8.14
C MET A 269 -21.32 -10.36 -9.05
N PRO A 270 -21.58 -9.05 -8.91
CA PRO A 270 -22.55 -8.37 -9.76
C PRO A 270 -22.01 -7.90 -11.12
N GLY A 271 -22.92 -7.77 -12.08
CA GLY A 271 -22.61 -7.11 -13.34
C GLY A 271 -22.13 -8.16 -14.34
N PRO A 272 -21.69 -7.74 -15.53
CA PRO A 272 -21.21 -8.69 -16.53
C PRO A 272 -19.82 -9.26 -16.20
N VAL A 273 -19.76 -10.26 -15.32
CA VAL A 273 -18.53 -10.65 -14.63
C VAL A 273 -17.48 -11.09 -15.66
N ALA A 274 -17.88 -11.87 -16.67
CA ALA A 274 -16.92 -12.32 -17.67
C ALA A 274 -16.31 -11.15 -18.43
N GLU A 275 -17.11 -10.17 -18.80
CA GLU A 275 -16.60 -9.03 -19.52
C GLU A 275 -15.67 -8.22 -18.60
N ASP A 276 -16.07 -8.12 -17.35
CA ASP A 276 -15.35 -7.36 -16.33
C ASP A 276 -13.96 -7.97 -16.13
N LEU A 277 -13.88 -9.32 -16.12
CA LEU A 277 -12.61 -9.99 -15.93
C LEU A 277 -11.63 -9.70 -17.07
N LEU A 278 -12.13 -9.53 -18.30
CA LEU A 278 -11.28 -9.06 -19.40
C LEU A 278 -10.71 -7.69 -19.07
N THR A 279 -11.52 -6.83 -18.46
CA THR A 279 -11.05 -5.49 -18.15
C THR A 279 -10.03 -5.55 -17.01
N ILE A 280 -10.32 -6.37 -16.01
CA ILE A 280 -9.46 -6.44 -14.83
C ILE A 280 -8.06 -6.95 -15.20
N ALA A 281 -7.98 -7.94 -16.11
CA ALA A 281 -6.74 -8.68 -16.39
C ALA A 281 -5.87 -7.96 -17.43
N GLN A 282 -5.77 -6.64 -17.38
CA GLN A 282 -4.87 -5.95 -18.26
C GLN A 282 -3.44 -6.43 -18.01
N PRO A 283 -2.64 -6.63 -19.07
CA PRO A 283 -1.23 -6.95 -18.92
C PRO A 283 -0.48 -5.92 -18.06
N LEU A 284 0.36 -6.41 -17.13
CA LEU A 284 1.12 -5.51 -16.27
C LEU A 284 2.63 -5.60 -16.55
N ASP A 285 3.33 -4.51 -16.23
CA ASP A 285 4.79 -4.40 -16.35
C ASP A 285 5.48 -5.03 -15.13
N PHE A 286 4.82 -4.91 -13.98
CA PHE A 286 5.30 -5.54 -12.76
C PHE A 286 4.11 -5.97 -11.93
N TYR A 287 4.34 -6.87 -10.99
CA TYR A 287 3.39 -7.18 -9.94
C TYR A 287 3.94 -6.65 -8.62
N GLY A 288 3.23 -5.73 -7.98
CA GLY A 288 3.66 -5.22 -6.70
C GLY A 288 2.96 -5.91 -5.57
N LEU A 289 3.75 -6.28 -4.56
CA LEU A 289 3.14 -6.86 -3.40
C LEU A 289 3.70 -6.25 -2.12
N ASN A 290 2.79 -6.11 -1.19
CA ASN A 290 3.04 -5.62 0.15
C ASN A 290 3.12 -6.85 1.07
N TYR A 291 4.20 -6.98 1.86
CA TYR A 291 4.30 -8.10 2.75
C TYR A 291 4.70 -7.58 4.13
N TYR A 292 4.03 -8.14 5.17
CA TYR A 292 4.45 -7.87 6.54
C TYR A 292 4.71 -9.17 7.30
N ASN A 293 3.82 -10.15 7.15
CA ASN A 293 3.94 -11.38 7.92
C ASN A 293 2.93 -12.42 7.47
N PRO A 294 3.17 -13.71 7.83
CA PRO A 294 2.16 -14.73 7.64
C PRO A 294 0.96 -14.45 8.52
N GLN A 295 -0.18 -15.01 8.12
CA GLN A 295 -1.43 -14.84 8.85
C GLN A 295 -1.90 -16.20 9.37
N GLY A 296 -2.10 -16.30 10.69
CA GLY A 296 -2.73 -17.46 11.31
C GLY A 296 -4.27 -17.44 11.21
N VAL A 297 -4.87 -18.61 10.94
CA VAL A 297 -6.31 -18.69 10.79
C VAL A 297 -6.85 -19.93 11.52
N ARG A 298 -8.05 -19.79 12.10
CA ARG A 298 -8.79 -20.92 12.64
C ARG A 298 -10.29 -20.74 12.34
N ALA A 299 -10.99 -21.88 12.43
CA ALA A 299 -12.34 -22.00 12.98
C ALA A 299 -13.28 -20.90 12.49
N PRO A 307 -16.97 -16.75 9.58
CA PRO A 307 -16.56 -18.12 9.22
C PRO A 307 -15.09 -18.50 9.40
N PHE A 308 -14.24 -17.51 9.74
CA PHE A 308 -12.88 -17.79 10.19
C PHE A 308 -12.52 -16.76 11.25
N ASP A 309 -11.48 -17.04 12.04
CA ASP A 309 -10.91 -16.03 12.90
C ASP A 309 -9.41 -16.00 12.66
N VAL A 310 -8.88 -14.78 12.53
CA VAL A 310 -7.47 -14.59 12.32
C VAL A 310 -6.81 -14.37 13.68
N ALA A 311 -5.60 -14.90 13.82
CA ALA A 311 -4.80 -14.63 14.98
C ALA A 311 -3.32 -14.74 14.57
N ALA A 312 -2.42 -14.34 15.45
CA ALA A 312 -1.00 -14.31 15.14
C ALA A 312 -0.46 -15.73 15.09
N VAL A 313 0.39 -16.04 14.11
CA VAL A 313 1.11 -17.31 14.13
C VAL A 313 2.05 -17.31 15.34
N PRO A 314 2.04 -18.37 16.20
CA PRO A 314 2.92 -18.39 17.36
C PRO A 314 4.38 -18.77 17.10
N GLY A 315 5.22 -18.49 18.10
CA GLY A 315 6.59 -18.95 18.13
C GLY A 315 7.57 -17.98 17.47
N TYR A 316 7.04 -16.84 16.99
CA TYR A 316 7.86 -15.79 16.46
C TYR A 316 7.89 -14.58 17.40
N PRO A 317 9.01 -13.85 17.43
CA PRO A 317 9.06 -12.54 18.08
C PRO A 317 8.13 -11.58 17.35
N THR A 318 7.72 -10.52 18.03
CA THR A 318 6.69 -9.64 17.48
C THR A 318 7.21 -8.22 17.50
N THR A 319 6.72 -7.45 16.54
CA THR A 319 6.97 -6.02 16.51
C THR A 319 6.17 -5.34 17.62
N ASP A 320 6.26 -4.00 17.74
CA ASP A 320 5.43 -3.24 18.65
C ASP A 320 3.95 -3.25 18.23
N PHE A 321 3.59 -3.68 17.00
CA PHE A 321 2.22 -3.81 16.60
C PHE A 321 1.65 -5.17 16.99
N GLY A 322 2.49 -6.05 17.51
CA GLY A 322 2.12 -7.42 17.83
C GLY A 322 2.21 -8.38 16.62
N TRP A 323 2.88 -7.93 15.53
CA TRP A 323 2.93 -8.72 14.32
C TRP A 323 4.13 -9.63 14.36
N PRO A 324 3.98 -10.91 13.92
CA PRO A 324 5.14 -11.79 13.84
C PRO A 324 6.28 -11.31 12.92
N VAL A 325 7.51 -11.52 13.37
CA VAL A 325 8.71 -11.28 12.59
C VAL A 325 9.10 -12.61 11.96
N ALA A 326 8.77 -12.80 10.69
CA ALA A 326 8.89 -14.09 10.06
C ALA A 326 9.38 -13.92 8.63
N PRO A 327 10.66 -13.52 8.45
CA PRO A 327 11.23 -13.27 7.12
C PRO A 327 11.13 -14.47 6.18
N SER A 328 11.19 -15.71 6.73
CA SER A 328 11.10 -16.87 5.86
C SER A 328 9.76 -16.91 5.15
N GLY A 329 8.74 -16.27 5.74
CA GLY A 329 7.43 -16.16 5.11
C GLY A 329 7.44 -15.40 3.77
N LEU A 330 8.37 -14.43 3.64
CA LEU A 330 8.46 -13.71 2.38
C LEU A 330 9.03 -14.60 1.29
N THR A 331 10.07 -15.37 1.63
CA THR A 331 10.62 -16.31 0.66
C THR A 331 9.52 -17.27 0.21
N ASP A 332 8.78 -17.81 1.18
CA ASP A 332 7.76 -18.83 0.92
C ASP A 332 6.69 -18.24 0.03
N LEU A 333 6.30 -16.98 0.30
CA LEU A 333 5.24 -16.35 -0.48
C LEU A 333 5.70 -16.18 -1.93
N LEU A 334 6.90 -15.69 -2.10
CA LEU A 334 7.44 -15.36 -3.41
C LEU A 334 7.53 -16.62 -4.27
N VAL A 335 7.98 -17.71 -3.65
CA VAL A 335 8.02 -19.00 -4.33
C VAL A 335 6.61 -19.48 -4.68
N GLU A 336 5.69 -19.42 -3.70
CA GLU A 336 4.31 -19.87 -3.94
C GLU A 336 3.62 -19.01 -4.99
N MET A 337 3.84 -17.67 -5.02
CA MET A 337 3.20 -16.84 -6.03
C MET A 337 3.68 -17.28 -7.40
N THR A 338 4.97 -17.60 -7.52
CA THR A 338 5.55 -17.98 -8.79
C THR A 338 5.01 -19.35 -9.25
N GLU A 339 4.71 -20.23 -8.27
CA GLU A 339 4.08 -21.53 -8.55
C GLU A 339 2.63 -21.37 -9.03
N ARG A 340 1.85 -20.52 -8.35
CA ARG A 340 0.48 -20.26 -8.74
C ARG A 340 0.33 -19.51 -10.06
N TYR A 341 1.27 -18.60 -10.38
CA TYR A 341 1.14 -17.67 -11.49
C TYR A 341 2.45 -17.70 -12.28
N PRO A 342 2.71 -18.77 -13.08
CA PRO A 342 3.99 -18.85 -13.80
C PRO A 342 4.29 -17.71 -14.77
N GLN A 343 3.29 -17.03 -15.32
CA GLN A 343 3.52 -15.87 -16.18
C GLN A 343 3.54 -14.55 -15.40
N ILE A 344 3.66 -14.60 -14.06
CA ILE A 344 3.65 -13.36 -13.29
C ILE A 344 4.79 -12.49 -13.78
N PRO A 345 4.55 -11.18 -13.94
CA PRO A 345 5.61 -10.26 -14.33
C PRO A 345 6.64 -10.10 -13.22
N PRO A 346 7.72 -9.37 -13.49
CA PRO A 346 8.70 -9.06 -12.45
C PRO A 346 8.01 -8.50 -11.21
N ILE A 347 8.47 -8.96 -10.03
CA ILE A 347 7.85 -8.58 -8.78
C ILE A 347 8.64 -7.43 -8.12
N LEU A 348 7.89 -6.40 -7.66
CA LEU A 348 8.44 -5.39 -6.77
C LEU A 348 7.77 -5.58 -5.42
N ILE A 349 8.56 -5.52 -4.35
CA ILE A 349 8.02 -5.45 -3.01
C ILE A 349 7.70 -3.99 -2.73
N THR A 350 6.43 -3.60 -2.89
CA THR A 350 6.00 -2.22 -2.83
C THR A 350 5.84 -1.72 -1.39
N GLU A 351 5.83 -2.64 -0.39
CA GLU A 351 5.88 -2.28 1.03
C GLU A 351 6.44 -3.48 1.82
N ASN A 352 7.37 -3.18 2.71
CA ASN A 352 7.75 -4.06 3.77
C ASN A 352 8.35 -3.18 4.85
N GLY A 353 8.02 -3.48 6.11
CA GLY A 353 8.56 -2.67 7.20
C GLY A 353 7.97 -3.11 8.54
N CYS A 354 8.35 -2.39 9.61
CA CYS A 354 8.04 -2.84 10.96
C CYS A 354 7.85 -1.64 11.89
N SER A 355 6.93 -1.83 12.84
CA SER A 355 6.62 -0.88 13.89
C SER A 355 7.49 -1.16 15.12
N TYR A 356 8.25 -0.14 15.48
CA TYR A 356 9.07 -0.12 16.67
C TYR A 356 9.15 1.33 17.10
N GLY A 357 8.93 1.60 18.39
CA GLY A 357 8.52 2.93 18.83
C GLY A 357 9.63 3.82 19.35
N MET A 358 10.89 3.41 19.23
CA MET A 358 11.97 4.21 19.80
C MET A 358 12.07 5.59 19.13
N GLY A 359 12.36 6.56 19.99
CA GLY A 359 12.60 7.92 19.57
C GLY A 359 13.97 8.41 20.02
N PRO A 360 14.25 9.71 19.82
CA PRO A 360 15.55 10.30 20.07
C PRO A 360 15.89 10.15 21.56
N ASP A 361 17.12 9.72 21.81
CA ASP A 361 17.59 9.63 23.19
C ASP A 361 18.10 11.01 23.57
N ALA A 362 18.69 11.06 24.77
CA ALA A 362 19.24 12.31 25.25
C ALA A 362 20.22 12.96 24.29
N ASP A 363 20.93 12.20 23.42
CA ASP A 363 21.91 12.78 22.51
C ASP A 363 21.32 13.01 21.11
N GLY A 364 20.04 12.72 20.95
CA GLY A 364 19.35 13.00 19.68
C GLY A 364 19.45 11.85 18.69
N VAL A 365 19.90 10.69 19.20
CA VAL A 365 20.11 9.49 18.40
C VAL A 365 18.93 8.55 18.55
N VAL A 366 18.42 7.98 17.43
CA VAL A 366 17.35 7.02 17.49
C VAL A 366 17.95 5.65 17.11
N ASP A 367 18.28 4.86 18.12
CA ASP A 367 18.92 3.57 17.87
C ASP A 367 17.83 2.51 17.72
N ASP A 368 17.40 2.28 16.46
CA ASP A 368 16.31 1.36 16.22
C ASP A 368 16.85 0.03 15.66
N GLN A 369 17.85 -0.55 16.34
CA GLN A 369 18.43 -1.80 15.90
C GLN A 369 17.37 -2.85 15.54
N PRO A 370 16.22 -2.99 16.23
CA PRO A 370 15.24 -4.02 15.87
C PRO A 370 14.67 -3.84 14.46
N ARG A 371 14.59 -2.57 14.02
CA ARG A 371 14.10 -2.31 12.67
C ARG A 371 15.16 -2.74 11.64
N ILE A 372 16.44 -2.52 11.96
CA ILE A 372 17.56 -2.95 11.12
C ILE A 372 17.53 -4.48 10.99
N ASP A 373 17.35 -5.14 12.11
CA ASP A 373 17.31 -6.60 12.10
C ASP A 373 16.20 -7.10 11.18
N TYR A 374 15.03 -6.46 11.29
CA TYR A 374 13.86 -6.86 10.52
C TYR A 374 14.16 -6.60 9.02
N LEU A 375 14.61 -5.38 8.67
CA LEU A 375 14.81 -5.09 7.25
C LEU A 375 15.91 -5.96 6.65
N ASP A 376 17.00 -6.15 7.38
CA ASP A 376 18.12 -6.99 6.93
C ASP A 376 17.64 -8.41 6.62
N SER A 377 16.85 -9.00 7.53
CA SER A 377 16.38 -10.37 7.38
C SER A 377 15.42 -10.48 6.19
N HIS A 378 14.63 -9.42 5.93
CA HIS A 378 13.70 -9.48 4.84
C HIS A 378 14.39 -9.32 3.49
N LEU A 379 15.43 -8.47 3.43
CA LEU A 379 16.24 -8.40 2.22
C LEU A 379 16.94 -9.73 1.98
N GLY A 380 17.43 -10.37 3.03
CA GLY A 380 17.93 -11.72 2.90
C GLY A 380 16.89 -12.73 2.35
N ALA A 381 15.66 -12.65 2.84
CA ALA A 381 14.59 -13.52 2.37
C ALA A 381 14.31 -13.30 0.88
N VAL A 382 14.40 -12.03 0.43
CA VAL A 382 14.24 -11.76 -1.01
C VAL A 382 15.35 -12.43 -1.82
N ALA A 383 16.60 -12.31 -1.34
CA ALA A 383 17.73 -12.90 -2.01
C ALA A 383 17.59 -14.41 -2.04
N ASP A 384 17.02 -15.00 -0.98
CA ASP A 384 16.81 -16.47 -0.96
C ASP A 384 15.79 -16.90 -2.02
N ALA A 385 14.75 -16.11 -2.29
CA ALA A 385 13.77 -16.39 -3.34
C ALA A 385 14.40 -16.22 -4.72
N VAL A 386 15.20 -15.16 -4.88
CA VAL A 386 15.90 -14.93 -6.15
C VAL A 386 16.78 -16.13 -6.51
N ALA A 387 17.46 -16.68 -5.51
CA ALA A 387 18.31 -17.84 -5.69
C ALA A 387 17.54 -19.11 -6.06
N ARG A 388 16.23 -19.13 -5.90
CA ARG A 388 15.36 -20.21 -6.34
C ARG A 388 14.67 -19.91 -7.67
N GLY A 389 15.02 -18.76 -8.28
CA GLY A 389 14.49 -18.45 -9.59
C GLY A 389 13.30 -17.51 -9.60
N VAL A 390 13.02 -16.87 -8.47
CA VAL A 390 11.95 -15.87 -8.43
C VAL A 390 12.53 -14.56 -8.93
N ASP A 391 11.85 -13.96 -9.92
CA ASP A 391 12.29 -12.71 -10.51
C ASP A 391 11.70 -11.54 -9.73
N VAL A 392 12.45 -11.10 -8.73
CA VAL A 392 12.14 -9.92 -7.92
C VAL A 392 13.12 -8.82 -8.29
N ARG A 393 12.62 -7.59 -8.44
CA ARG A 393 13.40 -6.52 -9.02
C ARG A 393 13.54 -5.29 -8.13
N GLY A 394 12.91 -5.26 -6.97
CA GLY A 394 13.06 -4.14 -6.09
C GLY A 394 12.29 -4.30 -4.79
N TYR A 395 12.64 -3.44 -3.83
CA TYR A 395 12.16 -3.47 -2.46
C TYR A 395 11.98 -2.02 -1.97
N TYR A 396 10.78 -1.71 -1.50
CA TYR A 396 10.41 -0.40 -1.00
C TYR A 396 10.04 -0.52 0.47
N CYS A 397 10.80 0.15 1.32
CA CYS A 397 10.60 0.10 2.76
C CYS A 397 9.41 1.00 3.15
N TRP A 398 8.47 0.40 3.90
CA TRP A 398 7.42 1.13 4.60
C TRP A 398 7.99 1.46 5.98
N SER A 399 8.30 2.73 6.27
CA SER A 399 8.03 3.93 5.50
C SER A 399 9.29 4.82 5.58
N LEU A 400 9.35 5.86 4.73
CA LEU A 400 10.34 6.90 4.96
C LEU A 400 10.18 7.52 6.36
N LEU A 401 8.92 7.86 6.70
CA LEU A 401 8.63 8.71 7.87
C LEU A 401 7.74 7.93 8.82
N ASP A 402 7.93 8.11 10.12
CA ASP A 402 6.86 7.80 11.04
C ASP A 402 5.62 8.61 10.64
N ASN A 403 4.43 7.99 10.74
CA ASN A 403 3.25 8.66 10.22
C ASN A 403 1.98 8.18 10.94
N PHE A 404 0.83 8.70 10.46
CA PHE A 404 -0.48 8.35 10.98
C PHE A 404 -0.86 6.94 10.52
N GLU A 405 -0.87 5.97 11.44
CA GLU A 405 -1.16 4.58 11.11
C GLU A 405 -2.65 4.28 11.38
N TRP A 406 -3.51 4.97 10.63
CA TRP A 406 -4.90 4.58 10.47
C TRP A 406 -5.58 4.51 11.84
N ALA A 407 -6.27 3.41 12.15
CA ALA A 407 -6.96 3.30 13.44
C ALA A 407 -6.03 3.27 14.64
N ASP A 408 -4.72 3.09 14.42
CA ASP A 408 -3.77 3.12 15.51
C ASP A 408 -3.10 4.48 15.65
N GLY A 409 -3.52 5.47 14.87
CA GLY A 409 -3.01 6.81 15.08
C GLY A 409 -1.50 6.92 15.06
N PHE A 410 -0.94 7.60 16.06
CA PHE A 410 0.49 7.87 16.09
C PHE A 410 1.22 6.84 16.95
N THR A 411 0.52 5.81 17.39
CA THR A 411 1.11 4.84 18.32
C THR A 411 2.00 3.80 17.64
N GLN A 412 2.00 3.68 16.31
CA GLN A 412 2.81 2.67 15.64
C GLN A 412 3.73 3.38 14.64
N ARG A 413 5.03 3.42 14.97
CA ARG A 413 6.07 4.12 14.22
C ARG A 413 6.81 3.14 13.28
N PHE A 414 6.69 3.38 11.95
CA PHE A 414 7.28 2.55 10.91
C PHE A 414 8.48 3.20 10.20
N GLY A 415 8.83 4.43 10.58
CA GLY A 415 9.76 5.24 9.79
C GLY A 415 11.23 4.79 9.84
N LEU A 416 11.95 5.05 8.73
CA LEU A 416 13.40 5.24 8.79
C LEU A 416 13.81 6.56 9.43
N VAL A 417 12.87 7.51 9.45
CA VAL A 417 13.05 8.86 9.94
C VAL A 417 12.03 9.09 11.03
N HIS A 418 12.50 9.50 12.23
CA HIS A 418 11.61 9.78 13.32
C HIS A 418 10.93 11.13 13.08
N VAL A 419 9.65 11.21 13.38
CA VAL A 419 8.92 12.48 13.32
C VAL A 419 8.35 12.80 14.70
N ASP A 420 8.71 14.00 15.21
CA ASP A 420 8.10 14.53 16.41
C ASP A 420 6.86 15.32 15.98
N TYR A 421 5.69 14.83 16.37
CA TYR A 421 4.41 15.36 15.91
C TYR A 421 4.12 16.76 16.47
N ASP A 422 4.81 17.15 17.56
CA ASP A 422 4.62 18.48 18.12
C ASP A 422 5.50 19.51 17.40
N THR A 423 6.81 19.24 17.27
CA THR A 423 7.76 20.16 16.66
C THR A 423 7.87 19.97 15.14
N LEU A 424 7.51 18.78 14.64
CA LEU A 424 7.60 18.39 13.22
C LEU A 424 9.03 18.17 12.76
N VAL A 425 9.96 18.10 13.71
CA VAL A 425 11.34 17.79 13.37
C VAL A 425 11.47 16.34 12.91
N ARG A 426 12.25 16.16 11.86
CA ARG A 426 12.66 14.85 11.37
C ARG A 426 14.03 14.53 11.94
N THR A 427 14.20 13.29 12.41
CA THR A 427 15.48 12.79 12.84
C THR A 427 15.71 11.44 12.18
N PRO A 428 16.65 11.33 11.22
CA PRO A 428 17.01 10.01 10.65
C PRO A 428 17.42 9.05 11.76
N LYS A 429 16.86 7.85 11.73
CA LYS A 429 17.19 6.83 12.71
C LYS A 429 18.43 6.05 12.27
N ARG A 430 18.94 5.16 13.14
CA ARG A 430 20.06 4.33 12.73
C ARG A 430 19.75 3.51 11.47
N SER A 431 18.51 3.04 11.34
CA SER A 431 18.04 2.32 10.17
C SER A 431 18.24 3.10 8.86
N PHE A 432 18.06 4.44 8.91
CA PHE A 432 18.26 5.28 7.74
C PHE A 432 19.69 5.18 7.24
N ASP A 433 20.63 5.28 8.18
CA ASP A 433 22.03 5.19 7.83
C ASP A 433 22.41 3.80 7.37
N TRP A 434 21.84 2.78 8.04
CA TRP A 434 22.09 1.40 7.64
C TRP A 434 21.60 1.16 6.19
N TYR A 435 20.38 1.58 5.89
CA TYR A 435 19.81 1.37 4.58
C TYR A 435 20.63 2.12 3.51
N ALA A 436 20.99 3.37 3.80
CA ALA A 436 21.82 4.15 2.89
C ALA A 436 23.11 3.38 2.54
N ASP A 437 23.73 2.76 3.54
CA ASP A 437 24.93 1.97 3.31
C ASP A 437 24.67 0.70 2.50
N VAL A 438 23.54 0.02 2.75
CA VAL A 438 23.18 -1.15 1.98
C VAL A 438 23.09 -0.77 0.49
N ILE A 439 22.39 0.35 0.23
CA ILE A 439 22.10 0.73 -1.13
C ILE A 439 23.41 1.09 -1.83
N ARG A 440 24.28 1.80 -1.11
CA ARG A 440 25.55 2.22 -1.69
C ARG A 440 26.38 0.99 -2.02
N ALA A 441 26.41 0.01 -1.11
CA ALA A 441 27.24 -1.18 -1.27
C ALA A 441 26.78 -1.99 -2.49
N HIS A 442 25.48 -1.99 -2.75
CA HIS A 442 24.97 -2.80 -3.85
C HIS A 442 25.24 -2.14 -5.20
N ARG A 443 25.40 -0.82 -5.29
CA ARG A 443 25.65 -0.17 -6.57
C ARG A 443 26.98 -0.63 -7.18
#